data_4USL
#
_entry.id   4USL
#
_cell.length_a   52.369
_cell.length_b   111.580
_cell.length_c   60.479
_cell.angle_alpha   90.00
_cell.angle_beta   90.00
_cell.angle_gamma   90.00
#
_symmetry.space_group_name_H-M   'C 2 2 21'
#
loop_
_entity.id
_entity.type
_entity.pdbx_description
1 polymer SORCIN
2 polymer SORCIN
3 non-polymer 'CALCIUM ION'
4 non-polymer 'SULFATE ION'
5 non-polymer DI(HYDROXYETHYL)ETHER
6 water water
#
loop_
_entity_poly.entity_id
_entity_poly.type
_entity_poly.pdbx_seq_one_letter_code
_entity_poly.pdbx_strand_id
1 'polypeptide(L)'
;MAYPGHPGAGGGYYPGGYGGAPGGPAFPGQTQDPLYGYFAAVAGQDGQIDADELQRCLTQSGIAGGYKPFNLETCRLMVS
MLDRDMSGTMGFNEFKELWAVLNGWRQHFISFDTDRSGTVDPQELQKALTTMGFRLSPQAVNSIAKRYSTNGKITFDDYI
ACCVKLRALTDSFRRRDTAQQGVVNFPYDDFIQCVMSV
;
A
2 'polypeptide(L)' MAYPGHPGAGGGYYPGGYGGAPGGPAFPGQTQ D
#
loop_
_chem_comp.id
_chem_comp.type
_chem_comp.name
_chem_comp.formula
CA non-polymer 'CALCIUM ION' 'Ca 2'
PEG non-polymer DI(HYDROXYETHYL)ETHER 'C4 H10 O3'
SO4 non-polymer 'SULFATE ION' 'O4 S -2'
#
# COMPACT_ATOMS: atom_id res chain seq x y z
N ALA A 26 -14.23 1.14 -20.20
CA ALA A 26 -13.67 2.36 -20.88
C ALA A 26 -13.31 2.09 -22.34
N PHE A 27 -12.46 1.07 -22.55
CA PHE A 27 -11.95 0.70 -23.87
C PHE A 27 -12.25 -0.78 -24.16
N PRO A 28 -13.44 -1.06 -24.75
CA PRO A 28 -13.86 -2.47 -24.95
C PRO A 28 -12.88 -3.34 -25.76
N GLY A 29 -12.10 -2.73 -26.64
CA GLY A 29 -11.08 -3.45 -27.39
C GLY A 29 -9.82 -3.80 -26.63
N GLN A 30 -9.76 -3.45 -25.33
CA GLN A 30 -8.61 -3.79 -24.47
C GLN A 30 -8.43 -5.29 -24.23
N THR A 31 -9.41 -6.09 -24.66
CA THR A 31 -9.25 -7.53 -24.71
C THR A 31 -7.97 -7.98 -25.47
N GLN A 32 -7.43 -7.11 -26.32
CA GLN A 32 -6.21 -7.43 -27.10
C GLN A 32 -4.91 -7.16 -26.34
N ASP A 33 -4.99 -6.42 -25.23
CA ASP A 33 -3.85 -6.20 -24.35
C ASP A 33 -3.32 -7.56 -23.81
N PRO A 34 -2.00 -7.78 -23.83
CA PRO A 34 -1.44 -9.06 -23.35
C PRO A 34 -1.77 -9.43 -21.90
N LEU A 35 -2.04 -8.45 -21.03
CA LEU A 35 -2.37 -8.67 -19.62
C LEU A 35 -3.83 -9.05 -19.41
N TYR A 36 -4.64 -8.85 -20.45
CA TYR A 36 -6.05 -9.03 -20.28
C TYR A 36 -6.43 -10.44 -19.82
N GLY A 37 -5.83 -11.48 -20.41
CA GLY A 37 -6.19 -12.83 -20.01
C GLY A 37 -5.99 -13.13 -18.52
N TYR A 38 -4.87 -12.66 -18.00
CA TYR A 38 -4.49 -12.82 -16.62
C TYR A 38 -5.48 -12.05 -15.77
N PHE A 39 -5.71 -10.78 -16.11
CA PHE A 39 -6.76 -9.99 -15.43
C PHE A 39 -8.08 -10.76 -15.36
N ALA A 40 -8.54 -11.26 -16.50
CA ALA A 40 -9.85 -11.93 -16.55
C ALA A 40 -9.92 -13.19 -15.69
N ALA A 41 -8.82 -13.94 -15.62
CA ALA A 41 -8.77 -15.14 -14.78
C ALA A 41 -8.86 -14.80 -13.29
N VAL A 42 -8.19 -13.73 -12.91
CA VAL A 42 -8.22 -13.26 -11.53
C VAL A 42 -9.61 -12.72 -11.19
N ALA A 43 -10.18 -11.97 -12.12
CA ALA A 43 -11.49 -11.32 -11.91
C ALA A 43 -12.63 -12.30 -11.80
N GLY A 44 -12.58 -13.36 -12.58
CA GLY A 44 -13.63 -14.35 -12.52
C GLY A 44 -14.96 -13.81 -13.01
N GLN A 45 -16.04 -14.34 -12.42
CA GLN A 45 -17.40 -14.24 -12.96
C GLN A 45 -17.95 -12.84 -13.18
N ASP A 46 -17.73 -11.93 -12.23
CA ASP A 46 -18.25 -10.57 -12.36
C ASP A 46 -17.37 -9.59 -13.15
N GLY A 47 -16.23 -10.05 -13.65
CA GLY A 47 -15.34 -9.25 -14.46
C GLY A 47 -14.62 -8.11 -13.70
N GLN A 48 -14.67 -8.17 -12.37
CA GLN A 48 -13.98 -7.19 -11.50
C GLN A 48 -13.17 -7.93 -10.47
N ILE A 49 -12.10 -7.28 -10.01
CA ILE A 49 -11.23 -7.89 -8.99
C ILE A 49 -11.61 -7.29 -7.63
N ASP A 50 -11.93 -8.15 -6.68
CA ASP A 50 -12.09 -7.71 -5.27
C ASP A 50 -10.82 -7.99 -4.48
N ALA A 51 -10.73 -7.53 -3.24
CA ALA A 51 -9.47 -7.63 -2.51
C ALA A 51 -9.09 -9.09 -2.21
N ASP A 52 -10.07 -9.97 -2.11
CA ASP A 52 -9.80 -11.39 -1.82
C ASP A 52 -9.20 -12.03 -3.03
N GLU A 53 -9.78 -11.74 -4.19
CA GLU A 53 -9.20 -12.19 -5.45
C GLU A 53 -7.77 -11.66 -5.67
N LEU A 54 -7.59 -10.36 -5.40
CA LEU A 54 -6.27 -9.75 -5.46
C LEU A 54 -5.27 -10.41 -4.53
N GLN A 55 -5.68 -10.69 -3.29
CA GLN A 55 -4.85 -11.37 -2.30
CA GLN A 55 -4.78 -11.34 -2.34
C GLN A 55 -4.30 -12.69 -2.91
N ARG A 56 -5.22 -13.48 -3.43
CA ARG A 56 -4.86 -14.77 -4.00
C ARG A 56 -3.86 -14.54 -5.16
N CYS A 57 -4.17 -13.60 -6.04
CA CYS A 57 -3.30 -13.25 -7.17
C CYS A 57 -1.87 -12.88 -6.76
N LEU A 58 -1.76 -11.92 -5.85
CA LEU A 58 -0.46 -11.45 -5.45
C LEU A 58 0.32 -12.48 -4.65
N THR A 59 -0.39 -13.33 -3.91
CA THR A 59 0.24 -14.45 -3.18
C THR A 59 0.85 -15.42 -4.21
N GLN A 60 0.04 -15.85 -5.17
CA GLN A 60 0.46 -16.88 -6.15
C GLN A 60 1.42 -16.29 -7.19
N SER A 61 1.44 -14.96 -7.33
CA SER A 61 2.47 -14.29 -8.15
C SER A 61 3.86 -14.37 -7.51
N GLY A 62 3.91 -14.65 -6.21
CA GLY A 62 5.18 -14.71 -5.46
C GLY A 62 5.92 -13.41 -5.19
N ILE A 63 5.38 -12.27 -5.62
CA ILE A 63 6.15 -11.01 -5.63
C ILE A 63 6.73 -10.66 -4.26
N ALA A 64 6.01 -10.99 -3.20
CA ALA A 64 6.47 -10.73 -1.85
C ALA A 64 7.52 -11.76 -1.40
N GLY A 65 7.67 -12.84 -2.17
CA GLY A 65 8.60 -13.92 -1.84
C GLY A 65 7.96 -14.88 -0.86
N GLY A 66 8.76 -15.80 -0.33
CA GLY A 66 8.33 -16.69 0.75
C GLY A 66 7.06 -17.48 0.53
N TYR A 67 6.41 -17.86 1.64
CA TYR A 67 5.19 -18.66 1.60
C TYR A 67 3.98 -17.97 2.25
N LYS A 68 4.20 -16.93 3.04
CA LYS A 68 3.10 -16.22 3.70
C LYS A 68 2.18 -15.59 2.66
N PRO A 69 0.88 -15.49 2.98
CA PRO A 69 -0.02 -14.77 2.09
C PRO A 69 0.43 -13.30 1.92
N PHE A 70 0.17 -12.73 0.75
CA PHE A 70 0.37 -11.31 0.55
C PHE A 70 -0.68 -10.61 1.39
N ASN A 71 -0.28 -9.67 2.25
CA ASN A 71 -1.18 -9.04 3.24
C ASN A 71 -2.47 -8.53 2.60
N LEU A 72 -3.61 -9.01 3.08
CA LEU A 72 -4.93 -8.55 2.61
C LEU A 72 -5.12 -7.06 2.81
N GLU A 73 -4.65 -6.51 3.93
CA GLU A 73 -4.77 -5.07 4.12
CA GLU A 73 -4.68 -5.07 4.16
C GLU A 73 -4.04 -4.27 3.02
N THR A 74 -2.87 -4.72 2.56
CA THR A 74 -2.22 -4.08 1.42
C THR A 74 -3.10 -4.14 0.17
N CYS A 75 -3.74 -5.30 -0.08
CA CYS A 75 -4.67 -5.45 -1.21
C CYS A 75 -5.87 -4.48 -1.11
N ARG A 76 -6.40 -4.32 0.08
CA ARG A 76 -7.55 -3.44 0.30
C ARG A 76 -7.16 -1.99 0.07
N LEU A 77 -5.97 -1.60 0.54
CA LEU A 77 -5.45 -0.24 0.32
C LEU A 77 -5.25 0.03 -1.16
N MET A 78 -4.70 -0.95 -1.88
CA MET A 78 -4.47 -0.80 -3.31
CA MET A 78 -4.45 -0.80 -3.32
C MET A 78 -5.75 -0.68 -4.12
N VAL A 79 -6.74 -1.54 -3.86
CA VAL A 79 -8.05 -1.48 -4.52
C VAL A 79 -8.66 -0.09 -4.29
N SER A 80 -8.56 0.39 -3.06
CA SER A 80 -9.18 1.66 -2.70
CA SER A 80 -9.17 1.67 -2.68
C SER A 80 -8.49 2.84 -3.36
N MET A 81 -7.17 2.83 -3.34
CA MET A 81 -6.43 3.96 -3.81
C MET A 81 -6.26 4.07 -5.30
N LEU A 82 -6.35 2.95 -6.01
CA LEU A 82 -6.33 2.95 -7.47
C LEU A 82 -7.68 3.14 -8.14
N ASP A 83 -8.74 3.12 -7.33
CA ASP A 83 -10.12 3.13 -7.83
C ASP A 83 -10.37 4.42 -8.65
N ARG A 84 -10.82 4.28 -9.87
CA ARG A 84 -11.05 5.43 -10.76
C ARG A 84 -12.50 5.79 -10.90
N ASP A 85 -13.40 4.89 -10.50
CA ASP A 85 -14.82 5.03 -10.80
C ASP A 85 -15.69 4.85 -9.58
N MET A 86 -15.08 4.94 -8.40
CA MET A 86 -15.76 4.70 -7.14
C MET A 86 -16.53 3.37 -7.11
N SER A 87 -16.05 2.35 -7.82
CA SER A 87 -16.73 1.05 -7.82
C SER A 87 -16.37 0.17 -6.63
N GLY A 88 -15.28 0.48 -5.92
CA GLY A 88 -14.78 -0.33 -4.80
C GLY A 88 -14.25 -1.71 -5.20
N THR A 89 -14.01 -1.85 -6.49
CA THR A 89 -13.48 -3.06 -7.10
C THR A 89 -12.48 -2.64 -8.14
N MET A 90 -11.60 -3.55 -8.54
CA MET A 90 -10.54 -3.26 -9.48
C MET A 90 -10.82 -3.77 -10.91
N GLY A 91 -10.89 -2.87 -11.86
CA GLY A 91 -11.05 -3.23 -13.27
C GLY A 91 -9.76 -3.34 -14.01
N PHE A 92 -9.83 -3.55 -15.32
CA PHE A 92 -8.62 -3.85 -16.04
C PHE A 92 -7.59 -2.70 -16.04
N ASN A 93 -8.01 -1.46 -16.28
CA ASN A 93 -7.02 -0.36 -16.30
C ASN A 93 -6.40 -0.12 -14.92
N GLU A 94 -7.21 -0.33 -13.88
CA GLU A 94 -6.76 -0.24 -12.49
C GLU A 94 -5.74 -1.36 -12.17
N PHE A 95 -5.99 -2.56 -12.70
CA PHE A 95 -5.08 -3.70 -12.56
C PHE A 95 -3.79 -3.48 -13.30
N LYS A 96 -3.88 -2.91 -14.52
CA LYS A 96 -2.67 -2.50 -15.21
C LYS A 96 -1.82 -1.52 -14.41
N GLU A 97 -2.48 -0.52 -13.82
CA GLU A 97 -1.76 0.45 -13.01
C GLU A 97 -1.16 -0.20 -11.77
N LEU A 98 -1.89 -1.16 -11.20
CA LEU A 98 -1.43 -1.85 -10.00
C LEU A 98 -0.03 -2.38 -10.24
N TRP A 99 0.21 -3.01 -11.39
CA TRP A 99 1.53 -3.61 -11.61
C TRP A 99 2.66 -2.61 -11.69
N ALA A 100 2.38 -1.47 -12.30
CA ALA A 100 3.35 -0.37 -12.35
C ALA A 100 3.65 0.14 -10.93
N VAL A 101 2.61 0.30 -10.13
CA VAL A 101 2.75 0.72 -8.73
C VAL A 101 3.54 -0.30 -7.91
N LEU A 102 3.25 -1.59 -8.08
CA LEU A 102 4.01 -2.61 -7.36
C LEU A 102 5.47 -2.61 -7.79
N ASN A 103 5.71 -2.39 -9.08
CA ASN A 103 7.09 -2.33 -9.56
CA ASN A 103 7.08 -2.30 -9.60
C ASN A 103 7.84 -1.16 -8.93
N GLY A 104 7.16 -0.03 -8.81
CA GLY A 104 7.75 1.14 -8.15
C GLY A 104 8.08 0.86 -6.68
N TRP A 105 7.14 0.26 -5.96
CA TRP A 105 7.39 -0.11 -4.57
C TRP A 105 8.52 -1.10 -4.43
N ARG A 106 8.58 -2.07 -5.35
CA ARG A 106 9.65 -3.07 -5.29
C ARG A 106 11.03 -2.39 -5.40
N GLN A 107 11.15 -1.46 -6.33
CA GLN A 107 12.39 -0.70 -6.47
C GLN A 107 12.72 0.09 -5.20
N HIS A 108 11.69 0.71 -4.62
CA HIS A 108 11.86 1.51 -3.41
C HIS A 108 12.29 0.61 -2.26
N PHE A 109 11.68 -0.56 -2.16
CA PHE A 109 12.01 -1.56 -1.11
C PHE A 109 13.45 -2.09 -1.24
N ILE A 110 13.78 -2.57 -2.43
CA ILE A 110 15.12 -3.06 -2.71
C ILE A 110 16.14 -1.98 -2.32
N SER A 111 15.85 -0.74 -2.69
CA SER A 111 16.78 0.36 -2.45
C SER A 111 17.06 0.71 -0.99
N PHE A 112 16.11 0.45 -0.10
CA PHE A 112 16.34 0.69 1.33
C PHE A 112 16.78 -0.55 2.10
N ASP A 113 16.74 -1.71 1.42
CA ASP A 113 17.21 -2.97 1.96
C ASP A 113 18.70 -3.10 1.69
N THR A 114 19.49 -2.24 2.34
CA THR A 114 20.90 -2.08 2.00
C THR A 114 21.77 -3.28 2.36
N ASP A 115 21.31 -4.17 3.23
CA ASP A 115 22.05 -5.41 3.48
C ASP A 115 21.49 -6.60 2.66
N ARG A 116 20.58 -6.30 1.73
CA ARG A 116 19.98 -7.32 0.86
C ARG A 116 19.43 -8.57 1.59
N SER A 117 18.77 -8.34 2.72
CA SER A 117 18.16 -9.43 3.51
C SER A 117 16.80 -9.86 2.97
N GLY A 118 16.25 -9.09 2.02
CA GLY A 118 14.88 -9.30 1.55
C GLY A 118 13.84 -8.75 2.50
N THR A 119 14.31 -8.08 3.54
CA THR A 119 13.46 -7.40 4.53
C THR A 119 14.06 -6.03 4.87
N VAL A 120 13.17 -5.14 5.31
CA VAL A 120 13.52 -3.79 5.76
C VAL A 120 13.46 -3.80 7.28
N ASP A 121 14.62 -3.59 7.91
CA ASP A 121 14.67 -3.50 9.37
C ASP A 121 14.31 -2.09 9.87
N PRO A 122 14.24 -1.90 11.19
CA PRO A 122 13.79 -0.61 11.70
C PRO A 122 14.72 0.56 11.35
N GLN A 123 16.02 0.29 11.24
CA GLN A 123 16.99 1.32 10.89
C GLN A 123 16.82 1.68 9.40
N GLU A 124 16.65 0.65 8.58
CA GLU A 124 16.38 0.83 7.15
C GLU A 124 15.07 1.55 6.90
N LEU A 125 14.06 1.23 7.69
CA LEU A 125 12.77 1.92 7.60
C LEU A 125 12.88 3.42 7.97
N GLN A 126 13.62 3.71 9.03
CA GLN A 126 13.81 5.12 9.41
C GLN A 126 14.39 5.94 8.26
N LYS A 127 15.38 5.39 7.57
CA LYS A 127 15.96 6.08 6.40
C LYS A 127 14.98 6.23 5.25
N ALA A 128 14.23 5.18 4.99
CA ALA A 128 13.24 5.20 3.91
C ALA A 128 12.21 6.30 4.14
N LEU A 129 11.67 6.35 5.36
CA LEU A 129 10.63 7.31 5.72
C LEU A 129 11.14 8.75 5.73
N THR A 130 12.37 8.94 6.18
CA THR A 130 13.03 10.26 6.18
C THR A 130 13.19 10.72 4.73
N THR A 131 13.63 9.81 3.90
CA THR A 131 13.93 10.11 2.48
C THR A 131 12.64 10.47 1.74
N MET A 132 11.52 9.86 2.16
CA MET A 132 10.20 10.19 1.61
C MET A 132 9.64 11.51 2.14
N GLY A 133 10.38 12.17 3.03
CA GLY A 133 9.97 13.44 3.61
C GLY A 133 9.15 13.36 4.91
N PHE A 134 8.97 12.16 5.48
CA PHE A 134 8.30 12.06 6.77
C PHE A 134 9.23 12.58 7.87
N ARG A 135 8.64 13.15 8.91
CA ARG A 135 9.39 13.67 10.05
C ARG A 135 8.83 13.09 11.34
N LEU A 136 9.34 11.90 11.65
CA LEU A 136 8.78 11.08 12.72
C LEU A 136 9.74 10.82 13.87
N SER A 137 9.19 10.77 15.08
CA SER A 137 9.94 10.29 16.23
C SER A 137 10.64 8.96 15.93
N PRO A 138 11.94 8.88 16.18
CA PRO A 138 12.62 7.62 15.89
C PRO A 138 12.06 6.44 16.71
N GLN A 139 11.69 6.68 17.96
CA GLN A 139 11.03 5.66 18.80
CA GLN A 139 11.09 5.62 18.75
C GLN A 139 9.77 5.17 18.11
N ALA A 140 9.01 6.10 17.54
CA ALA A 140 7.72 5.73 16.93
C ALA A 140 7.96 4.86 15.71
N VAL A 141 8.99 5.21 14.93
CA VAL A 141 9.38 4.42 13.75
C VAL A 141 9.71 3.00 14.19
N ASN A 142 10.48 2.87 15.27
CA ASN A 142 10.85 1.55 15.76
C ASN A 142 9.60 0.74 16.15
N SER A 143 8.66 1.39 16.82
CA SER A 143 7.40 0.78 17.22
C SER A 143 6.57 0.35 16.01
N ILE A 144 6.49 1.24 15.03
CA ILE A 144 5.78 0.94 13.78
C ILE A 144 6.40 -0.25 13.07
N ALA A 145 7.73 -0.29 12.99
CA ALA A 145 8.41 -1.44 12.35
C ALA A 145 8.02 -2.76 13.00
N LYS A 146 7.95 -2.77 14.34
CA LYS A 146 7.57 -3.99 15.06
C LYS A 146 6.10 -4.34 14.87
N ARG A 147 5.26 -3.35 14.68
CA ARG A 147 3.84 -3.53 14.43
C ARG A 147 3.60 -4.15 13.02
N TYR A 148 4.56 -3.99 12.11
CA TYR A 148 4.42 -4.55 10.74
C TYR A 148 5.36 -5.69 10.44
N SER A 149 5.80 -6.37 11.48
CA SER A 149 6.70 -7.49 11.31
C SER A 149 6.64 -8.42 12.50
N THR A 150 7.27 -9.58 12.39
CA THR A 150 7.32 -10.45 13.58
C THR A 150 8.47 -10.03 14.50
N ASN A 151 9.59 -9.65 13.90
CA ASN A 151 10.87 -9.45 14.60
C ASN A 151 11.59 -8.16 14.15
N GLY A 152 10.83 -7.15 13.73
CA GLY A 152 11.41 -5.94 13.18
C GLY A 152 11.74 -6.00 11.68
N LYS A 153 11.83 -7.21 11.10
CA LYS A 153 12.18 -7.41 9.69
C LYS A 153 10.94 -7.41 8.77
N ILE A 154 10.72 -6.29 8.08
CA ILE A 154 9.47 -6.03 7.35
C ILE A 154 9.55 -6.61 5.94
N THR A 155 8.58 -7.45 5.60
CA THR A 155 8.44 -7.98 4.24
C THR A 155 7.79 -6.96 3.27
N PHE A 156 7.93 -7.21 1.98
CA PHE A 156 7.51 -6.25 0.95
C PHE A 156 6.05 -5.79 1.05
N ASP A 157 5.13 -6.75 1.18
CA ASP A 157 3.72 -6.46 1.34
C ASP A 157 3.42 -5.54 2.51
N ASP A 158 4.07 -5.79 3.63
CA ASP A 158 3.89 -4.97 4.85
C ASP A 158 4.58 -3.58 4.75
N TYR A 159 5.67 -3.51 4.01
CA TYR A 159 6.36 -2.24 3.76
C TYR A 159 5.41 -1.30 3.02
N ILE A 160 4.74 -1.82 1.99
CA ILE A 160 3.78 -1.00 1.26
C ILE A 160 2.64 -0.51 2.17
N ALA A 161 2.06 -1.43 2.94
CA ALA A 161 0.94 -1.11 3.86
C ALA A 161 1.30 0.01 4.84
N CYS A 162 2.48 -0.14 5.42
CA CYS A 162 2.99 0.78 6.44
C CYS A 162 3.18 2.18 5.86
N CYS A 163 3.90 2.23 4.75
CA CYS A 163 4.22 3.50 4.09
C CYS A 163 2.96 4.20 3.54
N VAL A 164 2.07 3.44 2.92
CA VAL A 164 0.82 4.00 2.40
C VAL A 164 -0.11 4.54 3.49
N LYS A 165 -0.25 3.77 4.57
CA LYS A 165 -1.05 4.20 5.73
C LYS A 165 -0.45 5.46 6.32
N LEU A 166 0.85 5.47 6.54
CA LEU A 166 1.50 6.70 7.07
C LEU A 166 1.21 7.93 6.21
N ARG A 167 1.33 7.77 4.90
CA ARG A 167 1.09 8.88 3.99
C ARG A 167 -0.38 9.33 4.09
N ALA A 168 -1.29 8.37 4.05
CA ALA A 168 -2.72 8.68 4.12
C ALA A 168 -3.11 9.41 5.42
N LEU A 169 -2.57 8.98 6.55
CA LEU A 169 -2.89 9.58 7.84
C LEU A 169 -2.25 10.98 7.95
N THR A 170 -1.04 11.10 7.44
CA THR A 170 -0.29 12.37 7.46
C THR A 170 -1.02 13.40 6.57
N ASP A 171 -1.47 12.93 5.41
CA ASP A 171 -2.25 13.76 4.48
C ASP A 171 -3.53 14.25 5.15
N SER A 172 -4.26 13.33 5.79
CA SER A 172 -5.51 13.66 6.48
C SER A 172 -5.25 14.72 7.56
N PHE A 173 -4.18 14.54 8.33
CA PHE A 173 -3.84 15.47 9.40
C PHE A 173 -3.54 16.86 8.82
N ARG A 174 -2.69 16.87 7.80
CA ARG A 174 -2.28 18.11 7.10
C ARG A 174 -3.48 18.91 6.59
N ARG A 175 -4.43 18.22 5.94
CA ARG A 175 -5.65 18.88 5.45
C ARG A 175 -6.45 19.57 6.55
N ARG A 176 -6.45 18.99 7.74
CA ARG A 176 -7.19 19.55 8.88
C ARG A 176 -6.40 20.61 9.63
N ASP A 177 -5.09 20.63 9.42
CA ASP A 177 -4.19 21.53 10.10
C ASP A 177 -4.04 22.80 9.28
N THR A 178 -5.09 23.62 9.28
CA THR A 178 -5.17 24.80 8.40
C THR A 178 -4.16 25.90 8.75
N ALA A 179 -3.80 26.00 10.02
CA ALA A 179 -2.77 26.92 10.49
C ALA A 179 -1.35 26.36 10.31
N GLN A 180 -1.26 25.10 9.90
CA GLN A 180 0.01 24.41 9.80
C GLN A 180 0.78 24.50 11.10
N GLN A 181 0.08 24.30 12.22
CA GLN A 181 0.71 24.33 13.55
C GLN A 181 1.07 22.96 14.14
N GLY A 182 0.88 21.89 13.36
CA GLY A 182 1.20 20.53 13.86
C GLY A 182 0.30 20.00 14.97
N VAL A 183 -0.91 20.58 15.08
CA VAL A 183 -1.90 20.17 16.06
C VAL A 183 -3.29 20.27 15.41
N VAL A 184 -4.10 19.24 15.54
CA VAL A 184 -5.47 19.22 14.99
C VAL A 184 -6.49 18.96 16.09
N ASN A 185 -7.55 19.76 16.10
CA ASN A 185 -8.72 19.46 16.90
C ASN A 185 -9.57 18.44 16.17
N PHE A 186 -9.67 17.24 16.71
CA PHE A 186 -10.49 16.18 16.11
C PHE A 186 -11.74 15.96 16.94
N PRO A 187 -12.91 16.32 16.39
CA PRO A 187 -14.15 15.78 16.94
C PRO A 187 -14.16 14.25 16.77
N TYR A 188 -14.76 13.57 17.71
CA TYR A 188 -14.79 12.10 17.67
C TYR A 188 -15.22 11.53 16.31
N ASP A 189 -16.32 12.03 15.73
CA ASP A 189 -16.84 11.44 14.49
C ASP A 189 -15.78 11.50 13.37
N ASP A 190 -15.15 12.67 13.28
CA ASP A 190 -14.12 12.89 12.27
C ASP A 190 -12.90 11.99 12.50
N PHE A 191 -12.47 11.90 13.76
CA PHE A 191 -11.38 11.00 14.15
C PHE A 191 -11.67 9.55 13.73
N ILE A 192 -12.82 9.02 14.14
CA ILE A 192 -13.15 7.60 13.83
C ILE A 192 -13.23 7.33 12.33
N GLN A 193 -13.99 8.16 11.61
CA GLN A 193 -14.19 7.92 10.18
CA GLN A 193 -14.19 7.95 10.18
C GLN A 193 -12.84 7.98 9.46
N CYS A 194 -12.02 8.94 9.84
CA CYS A 194 -10.71 9.14 9.21
C CYS A 194 -9.78 7.96 9.45
N VAL A 195 -9.63 7.55 10.70
CA VAL A 195 -8.69 6.48 11.03
C VAL A 195 -9.22 5.14 10.55
N MET A 196 -10.50 4.84 10.79
CA MET A 196 -11.04 3.52 10.41
C MET A 196 -11.06 3.28 8.89
N SER A 197 -10.87 4.32 8.10
CA SER A 197 -10.90 4.21 6.64
C SER A 197 -9.57 3.75 5.98
N VAL A 198 -8.45 3.83 6.70
CA VAL A 198 -7.19 3.20 6.22
C VAL A 198 -6.75 2.15 7.24
N GLY B 12 -1.62 9.24 -2.81
CA GLY B 12 -0.24 8.94 -2.31
C GLY B 12 0.05 7.46 -2.15
N TYR B 13 -0.30 6.68 -3.17
CA TYR B 13 -0.08 5.23 -3.16
C TYR B 13 1.24 4.85 -3.88
N TYR B 14 1.96 5.85 -4.40
CA TYR B 14 3.29 5.63 -4.99
C TYR B 14 4.36 5.98 -3.95
N PRO B 15 5.57 5.35 -4.04
CA PRO B 15 6.60 5.75 -3.07
C PRO B 15 7.17 7.16 -3.34
N GLY B 16 7.42 7.90 -2.27
CA GLY B 16 7.88 9.30 -2.36
C GLY B 16 9.38 9.56 -2.29
N GLY B 17 10.19 8.51 -2.14
CA GLY B 17 11.64 8.63 -1.96
C GLY B 17 12.44 8.39 -3.23
CA CA C . 17.49 -5.49 5.21
CA CA D . -14.53 -10.96 -9.25
CA CA E . -12.90 0.48 -9.98
S SO4 F . -9.68 12.49 4.92
O1 SO4 F . -8.79 13.68 4.93
O2 SO4 F . -10.04 12.17 3.53
O3 SO4 F . -10.92 12.73 5.71
O4 SO4 F . -8.99 11.33 5.53
C1 PEG G . -13.79 -1.77 -15.93
O1 PEG G . -14.06 -0.86 -14.86
C2 PEG G . -13.08 -1.12 -17.10
O2 PEG G . -11.67 -1.29 -17.03
C3 PEG G . -11.01 -0.17 -16.41
C4 PEG G . -11.26 -0.13 -14.92
O4 PEG G . -10.07 -0.33 -14.20
C1 PEG H . -1.89 -15.64 -9.19
O1 PEG H . -1.24 -14.52 -9.84
C2 PEG H . -3.33 -15.90 -9.58
O2 PEG H . -4.14 -16.33 -8.45
C3 PEG H . -5.53 -16.33 -8.73
C4 PEG H . -6.32 -15.73 -7.59
O4 PEG H . -6.92 -14.49 -7.92
#